data_4Y8F
#
_entry.id   4Y8F
#
_cell.length_a   75.255
_cell.length_b   49.555
_cell.length_c   71.502
_cell.angle_alpha   90.00
_cell.angle_beta   119.11
_cell.angle_gamma   90.00
#
_symmetry.space_group_name_H-M   'C 1 2 1'
#
loop_
_entity.id
_entity.type
_entity.pdbx_description
1 polymer 'Triosephosphate Isomerase'
2 non-polymer 'ACETATE ION'
3 non-polymer 'SODIUM ION'
4 water water
#
_entity_poly.entity_id   1
_entity_poly.type   'polypeptide(L)'
_entity_poly.pdbx_seq_one_letter_code
;GSHMRTPIIAGNWKMHYTIDEAVKLVEELKPLVKDAKCEVVVCPTFVCLDAVKKAVEGTNIKVGAQNMHFEEKGAFTGEI
APRMLEAMNIDYVIIGHSERREYFNETDETCNKKVKAAFAHNLTPILCCGETLEQRENGTTNDVIKAQITADLEGLTKEQ
AEKVVIAYEPIWAIGTGKTATSDQANETIAAIRAMVAEMFGQEVADKVRIQYGGSVKPNTIAEQMAKSDIDGALVGGASL
VAADFAQIVNY
;
_entity_poly.pdbx_strand_id   A
#
# COMPACT_ATOMS: atom_id res chain seq x y z
N GLY A 1 1.93 17.32 -9.11
CA GLY A 1 0.87 17.89 -9.93
C GLY A 1 1.32 18.04 -11.38
N SER A 2 2.44 18.73 -11.58
CA SER A 2 3.07 18.83 -12.89
C SER A 2 3.58 17.45 -13.30
N HIS A 3 4.03 16.67 -12.32
CA HIS A 3 4.60 15.37 -12.63
C HIS A 3 3.52 14.32 -12.79
N MET A 4 3.68 13.54 -13.83
CA MET A 4 2.76 12.48 -14.13
CA MET A 4 2.78 12.45 -14.13
C MET A 4 3.01 11.29 -13.18
N ARG A 5 2.00 10.98 -12.36
CA ARG A 5 2.03 9.85 -11.44
C ARG A 5 0.59 9.34 -11.36
N THR A 6 0.32 8.16 -11.90
CA THR A 6 -1.03 7.60 -11.84
C THR A 6 -1.44 7.38 -10.38
N PRO A 7 -2.56 7.99 -9.94
CA PRO A 7 -2.97 7.82 -8.55
C PRO A 7 -3.41 6.38 -8.33
N ILE A 8 -3.31 5.89 -7.10
CA ILE A 8 -3.66 4.51 -6.81
C ILE A 8 -4.34 4.40 -5.46
N ILE A 9 -5.54 3.82 -5.46
CA ILE A 9 -6.31 3.61 -4.23
C ILE A 9 -6.41 2.10 -4.04
N ALA A 10 -5.89 1.62 -2.90
CA ALA A 10 -5.82 0.19 -2.63
C ALA A 10 -6.58 -0.08 -1.34
N GLY A 11 -7.45 -1.10 -1.37
CA GLY A 11 -8.21 -1.46 -0.18
C GLY A 11 -7.56 -2.63 0.53
N ASN A 12 -7.09 -2.40 1.77
CA ASN A 12 -6.51 -3.46 2.59
C ASN A 12 -7.61 -4.02 3.45
N TRP A 13 -8.14 -5.19 3.08
CA TRP A 13 -9.28 -5.74 3.80
C TRP A 13 -8.86 -6.28 5.15
N LYS A 14 -7.56 -6.48 5.36
CA LYS A 14 -7.05 -7.10 6.58
C LYS A 14 -7.73 -8.46 6.81
N MET A 15 -7.97 -8.84 8.06
CA MET A 15 -8.49 -10.19 8.29
C MET A 15 -10.04 -10.21 8.28
N HIS A 16 -10.59 -10.13 7.07
CA HIS A 16 -12.03 -10.08 6.86
C HIS A 16 -12.39 -10.84 5.60
N TYR A 17 -13.47 -11.60 5.75
CA TYR A 17 -14.30 -12.21 4.68
C TYR A 17 -13.85 -13.60 4.26
N THR A 18 -14.82 -14.51 4.21
CA THR A 18 -14.65 -15.84 3.62
C THR A 18 -14.60 -15.71 2.11
N ILE A 19 -14.33 -16.80 1.39
CA ILE A 19 -14.29 -16.76 -0.08
C ILE A 19 -15.58 -16.20 -0.69
N ASP A 20 -16.73 -16.74 -0.28
CA ASP A 20 -17.99 -16.28 -0.83
C ASP A 20 -18.28 -14.82 -0.48
N GLU A 21 -17.93 -14.40 0.74
CA GLU A 21 -18.11 -13.01 1.13
C GLU A 21 -17.21 -12.07 0.33
N ALA A 22 -15.98 -12.52 0.09
CA ALA A 22 -15.00 -11.76 -0.70
C ALA A 22 -15.49 -11.57 -2.14
N VAL A 23 -15.97 -12.66 -2.74
CA VAL A 23 -16.47 -12.57 -4.11
C VAL A 23 -17.70 -11.67 -4.18
N LYS A 24 -18.58 -11.77 -3.19
CA LYS A 24 -19.77 -10.91 -3.15
C LYS A 24 -19.39 -9.43 -3.11
N LEU A 25 -18.34 -9.09 -2.35
CA LEU A 25 -17.90 -7.71 -2.24
C LEU A 25 -17.34 -7.20 -3.58
N VAL A 26 -16.48 -7.97 -4.23
CA VAL A 26 -15.94 -7.49 -5.51
C VAL A 26 -17.00 -7.44 -6.60
N GLU A 27 -18.00 -8.31 -6.54
CA GLU A 27 -19.12 -8.26 -7.49
CA GLU A 27 -19.09 -8.23 -7.51
C GLU A 27 -19.93 -6.97 -7.32
N GLU A 28 -20.12 -6.55 -6.07
CA GLU A 28 -20.79 -5.29 -5.77
C GLU A 28 -19.96 -4.09 -6.27
N LEU A 29 -18.66 -4.20 -6.12
CA LEU A 29 -17.71 -3.12 -6.43
CA LEU A 29 -17.72 -3.12 -6.43
C LEU A 29 -17.57 -2.84 -7.92
N LYS A 30 -17.64 -3.88 -8.75
CA LYS A 30 -17.33 -3.76 -10.18
C LYS A 30 -18.04 -2.60 -10.88
N PRO A 31 -19.38 -2.51 -10.80
CA PRO A 31 -19.98 -1.38 -11.53
C PRO A 31 -19.74 -0.01 -10.88
N LEU A 32 -19.34 0.01 -9.61
CA LEU A 32 -19.14 1.26 -8.91
C LEU A 32 -17.79 1.90 -9.17
N VAL A 33 -16.85 1.16 -9.76
CA VAL A 33 -15.50 1.69 -9.91
C VAL A 33 -15.01 1.62 -11.34
N LYS A 34 -15.90 1.24 -12.24
CA LYS A 34 -15.55 1.07 -13.66
CA LYS A 34 -15.55 1.07 -13.66
C LYS A 34 -15.02 2.34 -14.34
N ASP A 35 -15.36 3.52 -13.79
CA ASP A 35 -14.96 4.83 -14.32
C ASP A 35 -13.90 5.53 -13.46
N ALA A 36 -13.20 4.77 -12.63
CA ALA A 36 -12.23 5.35 -11.70
C ALA A 36 -11.17 6.14 -12.46
N LYS A 37 -10.77 7.27 -11.88
CA LYS A 37 -9.69 8.08 -12.43
CA LYS A 37 -9.69 8.09 -12.44
C LYS A 37 -8.34 7.72 -11.83
N CYS A 38 -8.30 6.58 -11.13
CA CYS A 38 -7.10 6.07 -10.50
C CYS A 38 -7.00 4.57 -10.72
N GLU A 39 -5.83 4.02 -10.44
CA GLU A 39 -5.68 2.58 -10.32
C GLU A 39 -6.44 2.08 -9.08
N VAL A 40 -7.11 0.93 -9.21
CA VAL A 40 -7.92 0.38 -8.11
C VAL A 40 -7.40 -1.00 -7.73
N VAL A 41 -7.12 -1.21 -6.44
CA VAL A 41 -6.62 -2.53 -5.98
C VAL A 41 -7.43 -2.94 -4.76
N VAL A 42 -7.81 -4.22 -4.72
CA VAL A 42 -8.38 -4.82 -3.51
C VAL A 42 -7.46 -5.93 -3.03
N CYS A 43 -7.33 -6.01 -1.70
CA CYS A 43 -6.42 -6.97 -1.09
C CYS A 43 -7.12 -7.88 -0.09
N PRO A 44 -7.64 -9.01 -0.59
CA PRO A 44 -8.33 -10.01 0.26
C PRO A 44 -7.34 -10.91 1.02
N THR A 45 -7.83 -11.81 1.88
CA THR A 45 -6.93 -12.73 2.56
C THR A 45 -6.45 -13.80 1.58
N PHE A 46 -5.39 -14.51 1.96
CA PHE A 46 -4.76 -15.49 1.08
C PHE A 46 -5.75 -16.50 0.54
N VAL A 47 -6.67 -16.98 1.40
CA VAL A 47 -7.53 -18.10 0.97
C VAL A 47 -8.53 -17.62 -0.08
N CYS A 48 -8.69 -16.30 -0.20
CA CYS A 48 -9.66 -15.71 -1.14
C CYS A 48 -9.03 -15.26 -2.44
N LEU A 49 -7.70 -15.26 -2.54
CA LEU A 49 -7.06 -14.59 -3.68
C LEU A 49 -7.44 -15.17 -5.03
N ASP A 50 -7.46 -16.50 -5.16
CA ASP A 50 -7.73 -17.10 -6.45
C ASP A 50 -9.15 -16.77 -6.92
N ALA A 51 -10.11 -16.88 -5.99
CA ALA A 51 -11.51 -16.61 -6.31
C ALA A 51 -11.74 -15.15 -6.68
N VAL A 52 -11.08 -14.25 -5.95
CA VAL A 52 -11.23 -12.81 -6.19
C VAL A 52 -10.59 -12.41 -7.51
N LYS A 53 -9.38 -12.91 -7.78
CA LYS A 53 -8.72 -12.58 -9.05
C LYS A 53 -9.53 -13.10 -10.23
N LYS A 54 -10.08 -14.30 -10.11
CA LYS A 54 -10.92 -14.84 -11.18
C LYS A 54 -12.21 -14.03 -11.36
N ALA A 55 -12.79 -13.58 -10.25
CA ALA A 55 -14.02 -12.77 -10.30
C ALA A 55 -13.83 -11.41 -10.97
N VAL A 56 -12.65 -10.81 -10.85
CA VAL A 56 -12.46 -9.48 -11.41
C VAL A 56 -11.86 -9.47 -12.81
N GLU A 57 -11.68 -10.65 -13.40
CA GLU A 57 -11.17 -10.71 -14.78
C GLU A 57 -12.09 -9.94 -15.71
N GLY A 58 -11.48 -9.10 -16.56
CA GLY A 58 -12.21 -8.29 -17.50
C GLY A 58 -12.46 -6.87 -17.02
N THR A 59 -12.18 -6.61 -15.74
CA THR A 59 -12.42 -5.30 -15.14
C THR A 59 -11.09 -4.58 -14.83
N ASN A 60 -11.21 -3.35 -14.33
CA ASN A 60 -10.08 -2.56 -13.87
C ASN A 60 -9.66 -2.80 -12.43
N ILE A 61 -10.28 -3.78 -11.76
CA ILE A 61 -9.93 -4.03 -10.38
C ILE A 61 -8.73 -4.95 -10.30
N LYS A 62 -7.63 -4.47 -9.73
CA LYS A 62 -6.45 -5.29 -9.56
C LYS A 62 -6.47 -5.93 -8.18
N VAL A 63 -5.65 -6.95 -7.98
CA VAL A 63 -5.70 -7.68 -6.73
C VAL A 63 -4.34 -7.71 -6.05
N GLY A 64 -4.32 -7.48 -4.75
CA GLY A 64 -3.07 -7.58 -4.00
C GLY A 64 -3.15 -8.60 -2.89
N ALA A 65 -2.02 -9.26 -2.61
CA ALA A 65 -1.87 -10.05 -1.41
C ALA A 65 -1.47 -9.16 -0.23
N GLN A 66 -1.76 -9.61 0.99
CA GLN A 66 -1.50 -8.82 2.21
C GLN A 66 -0.13 -9.07 2.81
N ASN A 67 0.60 -10.09 2.29
CA ASN A 67 1.95 -10.41 2.73
C ASN A 67 2.49 -11.50 1.80
N MET A 68 3.78 -11.79 1.90
CA MET A 68 4.36 -13.02 1.35
C MET A 68 5.70 -13.21 1.99
N HIS A 69 6.30 -14.38 1.79
CA HIS A 69 7.68 -14.63 2.19
C HIS A 69 8.62 -14.16 1.08
N PHE A 70 9.93 -14.29 1.30
CA PHE A 70 10.92 -13.90 0.29
C PHE A 70 11.62 -15.08 -0.41
N GLU A 71 11.57 -16.27 0.17
CA GLU A 71 12.18 -17.42 -0.52
C GLU A 71 11.25 -18.03 -1.58
N GLU A 72 11.85 -18.78 -2.52
CA GLU A 72 11.09 -19.44 -3.58
C GLU A 72 10.21 -20.55 -3.02
N LYS A 73 10.74 -21.23 -2.00
CA LYS A 73 10.10 -22.40 -1.40
C LYS A 73 10.92 -22.70 -0.16
N GLY A 74 10.39 -23.53 0.73
CA GLY A 74 11.20 -24.04 1.82
C GLY A 74 10.49 -24.25 3.13
N ALA A 75 11.29 -24.39 4.19
CA ALA A 75 10.79 -24.83 5.49
C ALA A 75 10.27 -23.62 6.28
N PHE A 76 9.17 -23.05 5.82
CA PHE A 76 8.58 -21.88 6.47
C PHE A 76 7.09 -22.14 6.62
N THR A 77 6.77 -22.97 7.60
CA THR A 77 5.40 -23.38 7.85
C THR A 77 4.50 -22.15 7.99
N GLY A 78 3.41 -22.13 7.24
CA GLY A 78 2.43 -21.04 7.28
C GLY A 78 2.65 -19.91 6.30
N GLU A 79 3.80 -19.93 5.60
CA GLU A 79 4.18 -18.84 4.70
C GLU A 79 3.79 -19.10 3.23
N ILE A 80 3.64 -18.01 2.49
CA ILE A 80 3.24 -18.05 1.09
C ILE A 80 4.39 -17.53 0.21
N ALA A 81 4.82 -18.32 -0.77
CA ALA A 81 5.96 -17.93 -1.62
C ALA A 81 5.53 -16.98 -2.74
N PRO A 82 6.42 -16.07 -3.14
CA PRO A 82 6.09 -15.16 -4.25
C PRO A 82 5.58 -15.90 -5.49
N ARG A 83 6.15 -17.06 -5.82
CA ARG A 83 5.73 -17.80 -7.02
C ARG A 83 4.30 -18.31 -6.92
N MET A 84 3.79 -18.48 -5.70
CA MET A 84 2.41 -18.93 -5.51
C MET A 84 1.44 -17.81 -5.89
N LEU A 85 1.81 -16.57 -5.56
CA LEU A 85 1.01 -15.41 -5.96
C LEU A 85 1.13 -15.19 -7.46
N GLU A 86 2.34 -15.33 -8.00
CA GLU A 86 2.57 -15.11 -9.43
C GLU A 86 1.76 -16.08 -10.27
N ALA A 87 1.64 -17.33 -9.82
CA ALA A 87 0.88 -18.33 -10.56
C ALA A 87 -0.62 -18.01 -10.61
N MET A 88 -1.09 -17.21 -9.64
CA MET A 88 -2.48 -16.76 -9.63
C MET A 88 -2.67 -15.45 -10.34
N ASN A 89 -1.58 -14.91 -10.91
CA ASN A 89 -1.59 -13.61 -11.59
C ASN A 89 -1.97 -12.44 -10.68
N ILE A 90 -1.64 -12.54 -9.39
CA ILE A 90 -1.81 -11.45 -8.43
C ILE A 90 -0.98 -10.22 -8.86
N ASP A 91 -1.52 -9.02 -8.67
CA ASP A 91 -0.87 -7.81 -9.19
C ASP A 91 0.06 -7.12 -8.20
N TYR A 92 -0.39 -7.03 -6.94
CA TYR A 92 0.30 -6.29 -5.90
C TYR A 92 0.56 -7.15 -4.66
N VAL A 93 1.47 -6.71 -3.81
CA VAL A 93 1.65 -7.36 -2.51
C VAL A 93 2.02 -6.29 -1.50
N ILE A 94 1.30 -6.27 -0.38
CA ILE A 94 1.59 -5.35 0.72
C ILE A 94 2.77 -5.94 1.53
N ILE A 95 3.79 -5.12 1.75
CA ILE A 95 4.99 -5.53 2.50
C ILE A 95 5.26 -4.55 3.63
N GLY A 96 5.46 -5.05 4.85
CA GLY A 96 5.84 -4.20 5.97
C GLY A 96 4.73 -3.45 6.68
N HIS A 97 3.50 -3.93 6.52
CA HIS A 97 2.42 -3.31 7.27
C HIS A 97 2.75 -3.28 8.76
N SER A 98 2.36 -2.18 9.42
CA SER A 98 2.65 -1.95 10.83
C SER A 98 2.20 -3.13 11.70
N GLU A 99 1.08 -3.76 11.32
CA GLU A 99 0.55 -4.87 12.11
C GLU A 99 1.48 -6.08 12.07
N ARG A 100 2.13 -6.30 10.95
CA ARG A 100 3.12 -7.39 10.85
C ARG A 100 4.45 -7.06 11.49
N ARG A 101 4.87 -5.81 11.38
CA ARG A 101 6.04 -5.35 12.13
C ARG A 101 5.82 -5.45 13.63
N GLU A 102 4.61 -5.12 14.10
CA GLU A 102 4.36 -5.21 15.54
C GLU A 102 4.18 -6.64 16.09
N TYR A 103 3.40 -7.47 15.41
CA TYR A 103 2.97 -8.74 15.98
C TYR A 103 3.77 -9.94 15.49
N PHE A 104 4.35 -9.81 14.30
CA PHE A 104 4.85 -11.01 13.63
C PHE A 104 6.31 -10.95 13.21
N ASN A 105 7.05 -10.08 13.88
CA ASN A 105 8.50 -10.01 13.71
C ASN A 105 8.95 -9.71 12.27
N GLU A 106 8.16 -8.93 11.55
CA GLU A 106 8.63 -8.40 10.26
C GLU A 106 9.71 -7.35 10.55
N THR A 107 10.90 -7.55 9.96
CA THR A 107 12.00 -6.62 10.13
C THR A 107 12.28 -5.89 8.83
N ASP A 108 13.14 -4.86 8.90
CA ASP A 108 13.48 -4.16 7.69
C ASP A 108 14.24 -5.07 6.75
N GLU A 109 15.06 -5.94 7.32
CA GLU A 109 15.83 -6.89 6.51
C GLU A 109 14.91 -7.81 5.71
N THR A 110 13.87 -8.35 6.35
CA THR A 110 12.94 -9.20 5.61
C THR A 110 12.07 -8.39 4.63
N CYS A 111 11.75 -7.14 4.97
CA CYS A 111 11.02 -6.29 4.05
C CYS A 111 11.83 -6.12 2.76
N ASN A 112 13.13 -5.83 2.91
CA ASN A 112 13.99 -5.64 1.74
C ASN A 112 14.00 -6.91 0.89
N LYS A 113 14.12 -8.08 1.54
CA LYS A 113 14.17 -9.30 0.76
C LYS A 113 12.85 -9.53 0.01
N LYS A 114 11.74 -9.17 0.64
CA LYS A 114 10.43 -9.29 0.00
C LYS A 114 10.21 -8.31 -1.15
N VAL A 115 10.70 -7.08 -1.02
CA VAL A 115 10.55 -6.14 -2.11
C VAL A 115 11.32 -6.64 -3.33
N LYS A 116 12.54 -7.12 -3.12
CA LYS A 116 13.31 -7.67 -4.24
C LYS A 116 12.62 -8.88 -4.88
N ALA A 117 12.07 -9.75 -4.05
CA ALA A 117 11.34 -10.92 -4.54
C ALA A 117 10.11 -10.54 -5.34
N ALA A 118 9.43 -9.47 -4.92
CA ALA A 118 8.25 -9.00 -5.67
C ALA A 118 8.64 -8.72 -7.12
N PHE A 119 9.70 -7.95 -7.33
CA PHE A 119 10.14 -7.64 -8.67
C PHE A 119 10.59 -8.85 -9.47
N ALA A 120 11.06 -9.87 -8.79
CA ALA A 120 11.53 -11.07 -9.46
C ALA A 120 10.36 -11.96 -9.89
N HIS A 121 9.16 -11.63 -9.40
CA HIS A 121 7.96 -12.45 -9.62
C HIS A 121 6.73 -11.69 -10.15
N ASN A 122 7.00 -10.60 -10.85
CA ASN A 122 5.93 -9.83 -11.52
CA ASN A 122 5.95 -9.83 -11.50
C ASN A 122 4.85 -9.36 -10.56
N LEU A 123 5.28 -8.96 -9.36
CA LEU A 123 4.41 -8.39 -8.33
C LEU A 123 4.89 -6.96 -8.09
N THR A 124 3.95 -6.03 -7.91
CA THR A 124 4.31 -4.66 -7.54
C THR A 124 4.15 -4.55 -6.03
N PRO A 125 5.23 -4.18 -5.34
CA PRO A 125 5.16 -4.08 -3.86
C PRO A 125 4.54 -2.77 -3.41
N ILE A 126 3.70 -2.86 -2.38
CA ILE A 126 3.21 -1.70 -1.64
C ILE A 126 3.93 -1.73 -0.31
N LEU A 127 4.99 -0.93 -0.20
CA LEU A 127 5.84 -0.96 0.98
C LEU A 127 5.32 0.02 1.99
N CYS A 128 4.97 -0.48 3.17
CA CYS A 128 4.43 0.34 4.24
C CYS A 128 5.54 0.79 5.16
N CYS A 129 5.44 2.04 5.60
CA CYS A 129 6.40 2.60 6.55
C CYS A 129 5.68 3.55 7.49
N GLY A 130 6.34 3.97 8.56
CA GLY A 130 5.72 4.96 9.43
C GLY A 130 6.22 4.87 10.86
N GLU A 131 6.00 5.95 11.60
CA GLU A 131 6.58 6.09 12.93
C GLU A 131 5.51 5.99 14.03
N THR A 132 5.96 5.65 15.23
CA THR A 132 5.08 5.48 16.39
C THR A 132 4.79 6.83 17.04
N LEU A 133 3.84 6.82 17.98
CA LEU A 133 3.55 8.01 18.78
C LEU A 133 4.82 8.54 19.45
N GLU A 134 5.59 7.65 20.07
CA GLU A 134 6.79 8.07 20.78
CA GLU A 134 6.79 8.05 20.78
C GLU A 134 7.85 8.63 19.84
N GLN A 135 8.02 8.03 18.67
CA GLN A 135 8.99 8.55 17.71
C GLN A 135 8.60 9.94 17.21
N ARG A 136 7.31 10.17 16.96
CA ARG A 136 6.90 11.48 16.52
C ARG A 136 7.09 12.50 17.63
N GLU A 137 6.69 12.14 18.85
CA GLU A 137 6.81 13.03 20.00
CA GLU A 137 6.82 12.99 20.04
C GLU A 137 8.26 13.42 20.29
N ASN A 138 9.19 12.54 19.93
CA ASN A 138 10.61 12.79 20.19
C ASN A 138 11.29 13.50 19.04
N GLY A 139 10.52 13.79 17.99
CA GLY A 139 11.00 14.58 16.86
C GLY A 139 11.82 13.74 15.90
N THR A 140 11.62 12.42 15.95
CA THR A 140 12.45 11.51 15.14
C THR A 140 11.75 10.89 13.93
N THR A 141 10.58 11.40 13.58
CA THR A 141 9.81 10.91 12.42
C THR A 141 10.66 10.65 11.18
N ASN A 142 11.36 11.69 10.71
CA ASN A 142 12.09 11.57 9.45
C ASN A 142 13.30 10.67 9.56
N ASP A 143 13.98 10.68 10.71
CA ASP A 143 15.11 9.78 10.90
C ASP A 143 14.64 8.32 10.88
N VAL A 144 13.53 8.06 11.56
CA VAL A 144 12.97 6.71 11.65
C VAL A 144 12.53 6.22 10.27
N ILE A 145 11.83 7.07 9.53
CA ILE A 145 11.31 6.64 8.25
C ILE A 145 12.44 6.53 7.23
N LYS A 146 13.42 7.43 7.33
CA LYS A 146 14.60 7.30 6.45
C LYS A 146 15.31 5.97 6.67
N ALA A 147 15.43 5.54 7.92
CA ALA A 147 16.03 4.26 8.21
C ALA A 147 15.24 3.12 7.56
N GLN A 148 13.91 3.20 7.61
CA GLN A 148 13.07 2.17 6.97
C GLN A 148 13.24 2.18 5.45
N ILE A 149 13.17 3.35 4.83
CA ILE A 149 13.31 3.46 3.39
C ILE A 149 14.67 2.99 2.89
N THR A 150 15.74 3.42 3.56
CA THR A 150 17.12 3.05 3.25
CA THR A 150 17.06 3.05 3.12
C THR A 150 17.26 1.53 3.26
N ALA A 151 16.76 0.94 4.33
CA ALA A 151 16.92 -0.51 4.48
C ALA A 151 15.99 -1.27 3.55
N ASP A 152 14.73 -0.84 3.47
CA ASP A 152 13.73 -1.61 2.75
C ASP A 152 13.93 -1.57 1.24
N LEU A 153 14.47 -0.46 0.74
CA LEU A 153 14.66 -0.32 -0.72
C LEU A 153 16.11 -0.54 -1.16
N GLU A 154 16.96 -0.98 -0.23
CA GLU A 154 18.37 -1.22 -0.55
C GLU A 154 18.52 -2.13 -1.76
N GLY A 155 19.40 -1.73 -2.68
CA GLY A 155 19.79 -2.62 -3.75
C GLY A 155 18.92 -2.66 -4.99
N LEU A 156 17.80 -1.91 -5.00
CA LEU A 156 16.97 -1.86 -6.19
C LEU A 156 17.63 -1.07 -7.31
N THR A 157 17.26 -1.40 -8.54
CA THR A 157 17.63 -0.58 -9.68
C THR A 157 16.71 0.63 -9.69
N LYS A 158 17.07 1.66 -10.46
CA LYS A 158 16.20 2.81 -10.63
C LYS A 158 14.86 2.40 -11.22
N GLU A 159 14.89 1.51 -12.21
CA GLU A 159 13.67 1.06 -12.87
C GLU A 159 12.72 0.33 -11.90
N GLN A 160 13.30 -0.43 -10.97
CA GLN A 160 12.48 -1.05 -9.91
C GLN A 160 11.98 -0.05 -8.90
N ALA A 161 12.88 0.82 -8.43
CA ALA A 161 12.48 1.81 -7.42
C ALA A 161 11.28 2.67 -7.84
N GLU A 162 11.23 3.09 -9.09
CA GLU A 162 10.14 3.98 -9.49
C GLU A 162 8.80 3.25 -9.56
N LYS A 163 8.83 1.92 -9.53
CA LYS A 163 7.61 1.12 -9.55
C LYS A 163 7.10 0.73 -8.18
N VAL A 164 7.91 0.90 -7.14
CA VAL A 164 7.45 0.65 -5.78
C VAL A 164 6.33 1.63 -5.47
N VAL A 165 5.31 1.17 -4.74
CA VAL A 165 4.30 2.06 -4.19
C VAL A 165 4.58 2.12 -2.71
N ILE A 166 4.82 3.31 -2.18
CA ILE A 166 5.12 3.44 -0.75
C ILE A 166 3.86 3.94 -0.06
N ALA A 167 3.48 3.31 1.04
CA ALA A 167 2.32 3.75 1.82
C ALA A 167 2.82 4.25 3.18
N TYR A 168 2.56 5.52 3.48
CA TYR A 168 2.90 6.09 4.80
C TYR A 168 1.77 5.85 5.80
N GLU A 169 2.05 5.07 6.85
CA GLU A 169 1.10 4.85 7.95
C GLU A 169 1.52 5.62 9.18
N PRO A 170 0.73 6.61 9.58
CA PRO A 170 0.97 7.36 10.82
C PRO A 170 0.52 6.53 12.02
N ILE A 171 1.35 5.56 12.42
CA ILE A 171 1.02 4.65 13.52
C ILE A 171 0.71 5.48 14.76
N TRP A 172 1.41 6.61 14.91
CA TRP A 172 1.22 7.51 16.05
C TRP A 172 -0.22 7.94 16.27
N ALA A 173 -1.02 7.90 15.23
CA ALA A 173 -2.37 8.40 15.35
C ALA A 173 -3.37 7.25 15.57
N ILE A 174 -2.90 6.01 15.43
CA ILE A 174 -3.78 4.85 15.61
CA ILE A 174 -3.78 4.86 15.61
C ILE A 174 -4.26 4.74 17.06
N GLY A 175 -5.57 4.78 17.25
CA GLY A 175 -6.18 4.65 18.56
C GLY A 175 -6.26 5.91 19.43
N THR A 176 -6.35 7.07 18.78
CA THR A 176 -6.40 8.34 19.51
C THR A 176 -7.63 9.18 19.12
N GLY A 177 -7.78 10.35 19.75
CA GLY A 177 -8.92 11.21 19.50
C GLY A 177 -8.78 12.08 18.27
N LYS A 178 -7.59 12.11 17.68
CA LYS A 178 -7.37 12.89 16.46
C LYS A 178 -6.45 12.23 15.44
N THR A 179 -6.96 12.13 14.21
CA THR A 179 -6.20 11.61 13.09
C THR A 179 -5.19 12.67 12.64
N ALA A 180 -4.17 12.26 11.92
CA ALA A 180 -3.24 13.19 11.26
C ALA A 180 -4.03 14.15 10.38
N THR A 181 -3.56 15.37 10.27
CA THR A 181 -4.20 16.30 9.35
C THR A 181 -3.66 16.07 7.95
N SER A 182 -4.33 16.63 6.96
CA SER A 182 -3.87 16.47 5.58
C SER A 182 -2.50 17.11 5.38
N ASP A 183 -2.27 18.23 6.05
CA ASP A 183 -0.96 18.87 6.00
C ASP A 183 0.14 18.01 6.65
N GLN A 184 -0.14 17.41 7.81
CA GLN A 184 0.83 16.53 8.46
C GLN A 184 1.15 15.36 7.55
N ALA A 185 0.12 14.77 6.98
CA ALA A 185 0.30 13.66 6.03
C ALA A 185 1.17 14.07 4.85
N ASN A 186 0.83 15.18 4.21
CA ASN A 186 1.56 15.64 3.05
C ASN A 186 3.03 15.99 3.35
N GLU A 187 3.27 16.59 4.51
CA GLU A 187 4.63 16.96 4.90
C GLU A 187 5.52 15.73 5.06
N THR A 188 5.02 14.69 5.71
CA THR A 188 5.83 13.50 5.93
C THR A 188 5.97 12.77 4.60
N ILE A 189 4.91 12.74 3.79
CA ILE A 189 5.00 12.11 2.46
C ILE A 189 6.00 12.81 1.54
N ALA A 190 6.01 14.14 1.59
CA ALA A 190 7.03 14.87 0.83
C ALA A 190 8.45 14.54 1.31
N ALA A 191 8.62 14.35 2.62
CA ALA A 191 9.91 13.92 3.17
C ALA A 191 10.33 12.55 2.63
N ILE A 192 9.37 11.65 2.51
CA ILE A 192 9.65 10.32 2.01
C ILE A 192 10.11 10.44 0.55
N ARG A 193 9.45 11.32 -0.21
CA ARG A 193 9.85 11.52 -1.60
C ARG A 193 11.29 12.01 -1.67
N ALA A 194 11.66 12.92 -0.76
CA ALA A 194 13.05 13.40 -0.65
C ALA A 194 14.02 12.26 -0.28
N MET A 195 13.60 11.32 0.57
CA MET A 195 14.42 10.16 0.89
C MET A 195 14.65 9.32 -0.36
N VAL A 196 13.61 9.16 -1.15
CA VAL A 196 13.73 8.41 -2.39
C VAL A 196 14.69 9.10 -3.37
N ALA A 197 14.59 10.43 -3.46
CA ALA A 197 15.46 11.21 -4.34
C ALA A 197 16.92 11.03 -3.95
N GLU A 198 17.21 11.07 -2.65
CA GLU A 198 18.60 10.96 -2.20
C GLU A 198 19.17 9.59 -2.51
N MET A 199 18.30 8.58 -2.53
CA MET A 199 18.73 7.19 -2.79
C MET A 199 18.85 6.87 -4.28
N PHE A 200 17.88 7.33 -5.05
CA PHE A 200 17.71 6.87 -6.44
C PHE A 200 17.76 7.96 -7.50
N GLY A 201 17.77 9.21 -7.07
CA GLY A 201 17.82 10.33 -7.98
C GLY A 201 16.47 10.99 -8.20
N GLN A 202 16.53 12.20 -8.75
CA GLN A 202 15.35 13.04 -8.89
C GLN A 202 14.27 12.45 -9.80
N GLU A 203 14.66 11.81 -10.89
CA GLU A 203 13.67 11.27 -11.81
C GLU A 203 12.83 10.17 -11.16
N VAL A 204 13.49 9.30 -10.40
CA VAL A 204 12.78 8.24 -9.68
C VAL A 204 11.85 8.85 -8.65
N ALA A 205 12.32 9.83 -7.91
CA ALA A 205 11.48 10.44 -6.88
C ALA A 205 10.23 11.09 -7.51
N ASP A 206 10.41 11.68 -8.68
CA ASP A 206 9.32 12.36 -9.39
C ASP A 206 8.24 11.38 -9.82
N LYS A 207 8.61 10.11 -9.99
CA LYS A 207 7.72 9.10 -10.52
C LYS A 207 7.06 8.19 -9.49
N VAL A 208 7.71 7.98 -8.34
CA VAL A 208 7.24 6.99 -7.36
CA VAL A 208 7.23 6.99 -7.37
C VAL A 208 5.89 7.42 -6.77
N ARG A 209 4.96 6.48 -6.67
CA ARG A 209 3.67 6.80 -6.05
C ARG A 209 3.77 6.61 -4.55
N ILE A 210 3.28 7.58 -3.79
CA ILE A 210 3.31 7.50 -2.33
C ILE A 210 1.89 7.72 -1.83
N GLN A 211 1.35 6.71 -1.18
CA GLN A 211 -0.01 6.74 -0.65
C GLN A 211 -0.03 7.17 0.82
N TYR A 212 -1.14 7.76 1.24
CA TYR A 212 -1.39 7.91 2.66
C TYR A 212 -2.17 6.72 3.18
N GLY A 213 -1.76 6.20 4.35
CA GLY A 213 -2.30 4.95 4.89
C GLY A 213 -2.81 5.06 6.32
N GLY A 214 -3.07 6.28 6.75
CA GLY A 214 -3.83 6.51 7.97
C GLY A 214 -5.33 6.44 7.69
N SER A 215 -6.11 7.09 8.54
CA SER A 215 -7.58 6.98 8.39
C SER A 215 -8.09 7.67 7.12
N VAL A 216 -8.70 6.87 6.26
CA VAL A 216 -9.24 7.36 5.01
C VAL A 216 -10.70 6.95 4.96
N LYS A 217 -11.57 7.95 4.84
CA LYS A 217 -13.01 7.75 4.79
C LYS A 217 -13.52 8.52 3.57
N PRO A 218 -14.76 8.24 3.15
CA PRO A 218 -15.33 9.04 2.05
C PRO A 218 -15.22 10.55 2.29
N ASN A 219 -15.34 10.99 3.54
CA ASN A 219 -15.31 12.43 3.80
C ASN A 219 -13.92 13.05 3.99
N THR A 220 -12.86 12.27 3.82
CA THR A 220 -11.51 12.78 3.96
C THR A 220 -10.72 12.72 2.65
N ILE A 221 -11.14 11.88 1.72
CA ILE A 221 -10.30 11.57 0.56
C ILE A 221 -10.04 12.76 -0.39
N ALA A 222 -11.03 13.63 -0.58
CA ALA A 222 -10.87 14.74 -1.52
C ALA A 222 -9.76 15.69 -1.06
N GLU A 223 -9.77 16.00 0.24
CA GLU A 223 -8.74 16.88 0.79
C GLU A 223 -7.37 16.21 0.73
N GLN A 224 -7.34 14.93 1.06
CA GLN A 224 -6.09 14.16 1.04
CA GLN A 224 -6.08 14.19 1.03
C GLN A 224 -5.49 14.11 -0.37
N MET A 225 -6.30 13.79 -1.36
CA MET A 225 -5.80 13.68 -2.73
C MET A 225 -5.41 15.01 -3.36
N ALA A 226 -5.93 16.12 -2.83
CA ALA A 226 -5.60 17.45 -3.37
C ALA A 226 -4.19 17.91 -2.96
N LYS A 227 -3.57 17.19 -2.02
CA LYS A 227 -2.28 17.60 -1.51
C LYS A 227 -1.18 17.32 -2.51
N SER A 228 -0.14 18.12 -2.44
CA SER A 228 0.88 18.16 -3.49
C SER A 228 1.59 16.84 -3.76
N ASP A 229 1.82 16.06 -2.71
CA ASP A 229 2.67 14.90 -2.85
C ASP A 229 1.98 13.57 -2.62
N ILE A 230 0.66 13.62 -2.37
CA ILE A 230 -0.07 12.40 -2.05
C ILE A 230 -0.66 11.82 -3.34
N ASP A 231 -0.31 10.55 -3.61
CA ASP A 231 -0.67 9.90 -4.88
C ASP A 231 -1.75 8.86 -4.72
N GLY A 232 -2.30 8.73 -3.52
CA GLY A 232 -3.31 7.71 -3.31
C GLY A 232 -3.50 7.35 -1.85
N ALA A 233 -4.13 6.20 -1.63
CA ALA A 233 -4.53 5.84 -0.28
C ALA A 233 -4.48 4.34 -0.13
N LEU A 234 -3.92 3.89 0.98
CA LEU A 234 -4.05 2.50 1.39
C LEU A 234 -5.15 2.50 2.46
N VAL A 235 -6.33 2.05 2.06
CA VAL A 235 -7.56 2.18 2.85
C VAL A 235 -7.78 0.96 3.74
N GLY A 236 -8.09 1.19 5.00
CA GLY A 236 -8.40 0.11 5.91
C GLY A 236 -9.89 -0.22 5.95
N GLY A 237 -10.52 0.05 7.10
CA GLY A 237 -11.90 -0.37 7.30
C GLY A 237 -12.91 0.06 6.25
N ALA A 238 -12.72 1.24 5.65
CA ALA A 238 -13.69 1.67 4.65
C ALA A 238 -13.67 0.80 3.40
N SER A 239 -12.59 0.07 3.21
CA SER A 239 -12.49 -0.84 2.06
C SER A 239 -13.42 -2.05 2.20
N LEU A 240 -13.98 -2.28 3.39
CA LEU A 240 -14.84 -3.45 3.62
C LEU A 240 -16.25 -3.29 3.13
N VAL A 241 -16.65 -2.05 2.81
CA VAL A 241 -18.04 -1.75 2.42
C VAL A 241 -18.00 -1.20 1.01
N ALA A 242 -18.69 -1.86 0.07
CA ALA A 242 -18.54 -1.51 -1.34
C ALA A 242 -18.83 -0.04 -1.61
N ALA A 243 -19.94 0.47 -1.09
CA ALA A 243 -20.31 1.85 -1.37
C ALA A 243 -19.31 2.84 -0.81
N ASP A 244 -18.77 2.54 0.37
CA ASP A 244 -17.81 3.44 1.00
C ASP A 244 -16.50 3.41 0.23
N PHE A 245 -16.03 2.21 -0.12
CA PHE A 245 -14.79 2.12 -0.90
C PHE A 245 -14.95 2.83 -2.25
N ALA A 246 -16.11 2.67 -2.89
CA ALA A 246 -16.34 3.32 -4.18
C ALA A 246 -16.32 4.84 -4.02
N GLN A 247 -16.80 5.36 -2.89
CA GLN A 247 -16.75 6.81 -2.68
C GLN A 247 -15.32 7.33 -2.61
N ILE A 248 -14.45 6.52 -2.01
CA ILE A 248 -13.04 6.89 -1.84
C ILE A 248 -12.34 6.81 -3.20
N VAL A 249 -12.64 5.76 -3.96
CA VAL A 249 -12.11 5.63 -5.32
C VAL A 249 -12.53 6.79 -6.23
N ASN A 250 -13.80 7.16 -6.17
CA ASN A 250 -14.36 8.26 -6.97
C ASN A 250 -14.25 9.62 -6.26
N TYR A 251 -13.04 9.96 -5.81
CA TYR A 251 -12.81 11.17 -5.00
C TYR A 251 -12.95 12.46 -5.80
#